data_1RPE
#
_entry.id   1RPE
#
_cell.length_a   149.290
_cell.length_b   64.290
_cell.length_c   27.690
_cell.angle_alpha   90.00
_cell.angle_beta   90.00
_cell.angle_gamma   90.00
#
_symmetry.space_group_name_H-M   'P 21 21 21'
#
loop_
_entity.id
_entity.type
_entity.pdbx_description
1 polymer "DNA (5'-D(*TP*AP*TP*AP*CP*AP*AP*TP*GP*TP*AP*TP*CP*TP*TP*GP*T P*TP*TP*G)-3')"
2 polymer "DNA (5'-D(*AP*CP*AP*AP*AP*CP*AP*AP*GP*AP*TP*AP*CP*AP*TP*TP*G P*TP*AP*T)-3')"
3 polymer 'PROTEIN (434 REPRESSOR)'
4 water water
#
loop_
_entity_poly.entity_id
_entity_poly.type
_entity_poly.pdbx_seq_one_letter_code
_entity_poly.pdbx_strand_id
1 'polydeoxyribonucleotide' (DT)(DA)(DT)(DA)(DC)(DA)(DA)(DT)(DG)(DT)(DA)(DT)(DC)(DT)(DT)(DG)(DT)(DT)(DT)(DG) B
2 'polydeoxyribonucleotide' (DA)(DC)(DA)(DA)(DA)(DC)(DA)(DA)(DG)(DA)(DT)(DA)(DC)(DA)(DT)(DT)(DG)(DT)(DA)(DT) A
3 'polypeptide(L)' SISSRVKSKRIQLGLNQAELAQKVGTTQQSIEQLENGKTKRPRFLPELASALGVSVDWLLNGTSDSNVR L,R
#
# COMPACT_ATOMS: atom_id res chain seq x y z
N SER C 1 12.74 -9.45 5.20
CA SER C 1 12.22 -8.27 5.84
C SER C 1 12.22 -7.11 4.81
N ILE C 2 11.12 -6.33 4.84
CA ILE C 2 10.84 -5.25 3.83
C ILE C 2 12.01 -4.28 3.62
N SER C 3 12.88 -4.24 4.60
CA SER C 3 14.07 -3.38 4.56
C SER C 3 15.19 -4.06 3.89
N SER C 4 15.24 -5.36 4.07
CA SER C 4 16.28 -6.22 3.47
C SER C 4 15.98 -6.39 2.00
N ARG C 5 14.69 -6.45 1.78
CA ARG C 5 14.10 -6.69 0.48
C ARG C 5 14.23 -5.49 -0.44
N VAL C 6 13.94 -4.28 0.08
CA VAL C 6 14.07 -3.04 -0.72
C VAL C 6 15.52 -2.63 -0.98
N LYS C 7 16.40 -3.02 -0.06
CA LYS C 7 17.84 -2.71 -0.10
C LYS C 7 18.56 -3.57 -1.12
N SER C 8 18.27 -4.83 -1.01
CA SER C 8 18.79 -5.84 -1.88
C SER C 8 18.37 -5.66 -3.36
N LYS C 9 17.20 -5.06 -3.60
CA LYS C 9 16.72 -4.87 -4.96
C LYS C 9 17.25 -3.56 -5.53
N ARG C 10 17.40 -2.62 -4.65
CA ARG C 10 17.88 -1.33 -5.01
C ARG C 10 19.32 -1.47 -5.45
N ILE C 11 20.12 -2.06 -4.58
CA ILE C 11 21.52 -2.29 -4.90
C ILE C 11 21.58 -2.96 -6.27
N GLN C 12 20.73 -3.97 -6.43
CA GLN C 12 20.59 -4.80 -7.62
C GLN C 12 20.40 -4.09 -8.93
N LEU C 13 19.44 -3.17 -9.00
CA LEU C 13 19.21 -2.43 -10.23
C LEU C 13 20.33 -1.43 -10.41
N GLY C 14 21.18 -1.42 -9.38
CA GLY C 14 22.34 -0.57 -9.28
C GLY C 14 22.01 0.91 -8.99
N LEU C 15 21.01 1.17 -8.16
CA LEU C 15 20.66 2.56 -7.81
C LEU C 15 21.09 2.92 -6.40
N ASN C 16 20.96 4.21 -6.12
CA ASN C 16 21.24 4.79 -4.81
C ASN C 16 19.98 5.51 -4.32
N GLN C 17 19.80 5.38 -3.03
CA GLN C 17 18.65 5.89 -2.23
C GLN C 17 18.05 7.21 -2.74
N ALA C 18 18.88 8.02 -3.36
CA ALA C 18 18.45 9.33 -3.90
C ALA C 18 17.76 9.13 -5.26
N GLU C 19 18.39 8.33 -6.11
CA GLU C 19 17.86 8.03 -7.46
C GLU C 19 16.61 7.19 -7.37
N LEU C 20 16.69 6.15 -6.56
CA LEU C 20 15.51 5.32 -6.33
C LEU C 20 14.37 6.25 -5.93
N ALA C 21 14.73 7.09 -4.97
CA ALA C 21 13.86 8.07 -4.31
C ALA C 21 13.25 9.09 -5.30
N GLN C 22 13.71 9.09 -6.53
CA GLN C 22 13.15 10.00 -7.56
C GLN C 22 12.11 9.26 -8.37
N LYS C 23 12.46 7.98 -8.56
CA LYS C 23 11.72 6.97 -9.26
C LYS C 23 10.44 6.73 -8.49
N VAL C 24 10.60 6.74 -7.18
CA VAL C 24 9.49 6.54 -6.25
C VAL C 24 8.69 7.82 -6.02
N GLY C 25 9.29 8.93 -6.43
CA GLY C 25 8.71 10.26 -6.30
C GLY C 25 8.90 10.86 -4.92
N THR C 26 9.62 10.11 -4.07
CA THR C 26 9.91 10.46 -2.70
C THR C 26 11.30 11.01 -2.49
N THR C 27 11.75 11.04 -1.26
CA THR C 27 13.09 11.54 -0.98
C THR C 27 14.00 10.45 -0.47
N GLN C 28 15.27 10.83 -0.45
CA GLN C 28 16.35 10.00 -0.03
C GLN C 28 16.14 9.46 1.34
N GLN C 29 15.80 10.40 2.22
CA GLN C 29 15.56 10.13 3.63
C GLN C 29 14.38 9.24 3.77
N SER C 30 13.33 9.58 3.04
CA SER C 30 12.17 8.73 3.10
C SER C 30 12.58 7.30 2.78
N ILE C 31 13.43 7.11 1.73
CA ILE C 31 13.95 5.80 1.29
C ILE C 31 14.88 5.20 2.34
N GLU C 32 15.38 6.09 3.17
CA GLU C 32 16.27 5.70 4.22
C GLU C 32 15.50 5.22 5.45
N GLN C 33 14.48 5.95 5.85
CA GLN C 33 13.77 5.53 7.03
C GLN C 33 13.33 4.10 6.79
N LEU C 34 12.97 3.88 5.56
CA LEU C 34 12.48 2.60 5.11
C LEU C 34 13.56 1.56 5.32
N GLU C 35 14.62 1.65 4.50
CA GLU C 35 15.77 0.74 4.55
C GLU C 35 16.39 0.56 5.95
N ASN C 36 16.20 1.53 6.84
CA ASN C 36 16.78 1.42 8.20
C ASN C 36 15.68 1.12 9.25
N GLY C 37 14.65 0.48 8.74
CA GLY C 37 13.49 0.02 9.54
C GLY C 37 12.85 1.12 10.39
N LYS C 38 12.95 2.38 9.96
CA LYS C 38 12.33 3.47 10.73
C LYS C 38 10.85 3.65 10.33
N THR C 39 10.43 2.94 9.29
CA THR C 39 9.01 2.94 8.85
C THR C 39 8.66 1.55 8.31
N LYS C 40 7.37 1.26 8.27
CA LYS C 40 6.91 -0.09 7.89
C LYS C 40 5.95 -0.09 6.75
N ARG C 41 5.07 0.89 6.78
CA ARG C 41 4.08 1.08 5.76
C ARG C 41 4.04 2.52 5.30
N PRO C 42 5.00 2.84 4.45
CA PRO C 42 5.14 4.14 3.87
C PRO C 42 4.04 4.33 2.86
N ARG C 43 3.66 5.59 2.63
CA ARG C 43 2.62 5.98 1.72
C ARG C 43 2.91 5.61 0.26
N PHE C 44 4.17 5.42 -0.03
CA PHE C 44 4.54 5.17 -1.39
C PHE C 44 4.97 3.78 -1.69
N LEU C 45 4.57 2.90 -0.80
CA LEU C 45 4.84 1.48 -0.95
C LEU C 45 4.46 1.04 -2.35
N PRO C 46 3.27 1.42 -2.84
CA PRO C 46 2.84 0.99 -4.14
C PRO C 46 3.75 1.37 -5.29
N GLU C 47 4.16 2.61 -5.20
CA GLU C 47 4.99 3.28 -6.15
C GLU C 47 6.45 2.92 -6.01
N LEU C 48 6.81 2.38 -4.83
CA LEU C 48 8.14 1.86 -4.55
C LEU C 48 8.23 0.52 -5.26
N ALA C 49 7.30 -0.39 -4.95
CA ALA C 49 7.22 -1.72 -5.56
C ALA C 49 7.26 -1.68 -7.08
N SER C 50 6.79 -0.61 -7.68
CA SER C 50 6.78 -0.57 -9.12
C SER C 50 8.10 -0.05 -9.70
N ALA C 51 8.86 0.63 -8.85
CA ALA C 51 10.12 1.15 -9.24
C ALA C 51 11.12 0.02 -9.15
N LEU C 52 10.82 -0.82 -8.17
CA LEU C 52 11.60 -1.99 -7.90
C LEU C 52 11.20 -3.18 -8.80
N GLY C 53 10.06 -3.14 -9.47
CA GLY C 53 9.73 -4.26 -10.33
C GLY C 53 9.13 -5.46 -9.59
N VAL C 54 8.85 -5.28 -8.33
CA VAL C 54 8.25 -6.35 -7.55
C VAL C 54 6.81 -5.95 -7.19
N SER C 55 6.18 -6.81 -6.42
CA SER C 55 4.79 -6.61 -5.99
C SER C 55 4.73 -6.22 -4.52
N VAL C 56 3.79 -5.35 -4.26
CA VAL C 56 3.52 -4.77 -2.94
C VAL C 56 3.42 -5.86 -1.85
N ASP C 57 3.16 -7.08 -2.28
CA ASP C 57 2.99 -8.23 -1.37
C ASP C 57 4.34 -8.84 -1.05
N TRP C 58 5.11 -9.12 -2.08
CA TRP C 58 6.45 -9.68 -1.92
C TRP C 58 7.23 -8.82 -0.90
N LEU C 59 7.09 -7.48 -1.15
CA LEU C 59 7.69 -6.29 -0.38
C LEU C 59 7.32 -6.40 1.10
N LEU C 60 6.03 -6.60 1.31
CA LEU C 60 5.41 -6.69 2.64
C LEU C 60 5.77 -8.01 3.36
N ASN C 61 5.38 -9.11 2.74
CA ASN C 61 5.57 -10.45 3.35
C ASN C 61 6.47 -11.37 2.49
N GLY C 62 7.56 -10.79 2.03
CA GLY C 62 8.61 -11.47 1.23
C GLY C 62 8.07 -12.60 0.33
N THR C 63 7.13 -12.24 -0.56
CA THR C 63 6.54 -13.24 -1.46
C THR C 63 5.64 -12.67 -2.55
N SER D 1 -13.05 7.47 -7.39
CA SER D 1 -12.00 7.51 -6.40
C SER D 1 -11.85 6.18 -5.68
N ILE D 2 -10.96 6.10 -4.69
CA ILE D 2 -10.79 4.88 -3.94
C ILE D 2 -11.91 4.77 -2.93
N SER D 3 -12.27 5.90 -2.36
CA SER D 3 -13.36 5.92 -1.42
C SER D 3 -14.58 5.36 -2.12
N SER D 4 -14.74 5.80 -3.35
CA SER D 4 -15.92 5.33 -4.06
C SER D 4 -15.97 3.84 -4.36
N ARG D 5 -14.83 3.27 -4.82
CA ARG D 5 -14.67 1.87 -5.21
C ARG D 5 -14.70 0.90 -4.05
N VAL D 6 -14.35 1.45 -2.91
CA VAL D 6 -14.36 0.65 -1.72
C VAL D 6 -15.80 0.47 -1.30
N LYS D 7 -16.57 1.54 -1.44
CA LYS D 7 -17.96 1.49 -1.06
C LYS D 7 -18.73 0.45 -1.83
N SER D 8 -18.76 0.64 -3.14
CA SER D 8 -19.49 -0.25 -3.99
C SER D 8 -19.01 -1.72 -3.82
N LYS D 9 -17.75 -1.98 -4.11
CA LYS D 9 -17.21 -3.36 -3.99
C LYS D 9 -17.45 -3.99 -2.58
N ARG D 10 -18.00 -3.21 -1.64
CA ARG D 10 -18.35 -3.70 -0.27
C ARG D 10 -19.86 -3.80 -0.16
N ILE D 11 -20.47 -2.91 -0.88
CA ILE D 11 -21.89 -2.89 -0.96
C ILE D 11 -22.35 -4.17 -1.64
N GLN D 12 -21.62 -4.56 -2.67
CA GLN D 12 -22.02 -5.74 -3.44
C GLN D 12 -21.57 -7.04 -2.77
N LEU D 13 -20.91 -6.95 -1.64
CA LEU D 13 -20.47 -8.17 -0.96
C LEU D 13 -21.24 -8.49 0.28
N GLY D 14 -22.17 -7.60 0.61
CA GLY D 14 -23.10 -7.73 1.78
C GLY D 14 -22.39 -7.60 3.11
N LEU D 15 -21.17 -7.04 3.06
CA LEU D 15 -20.43 -6.80 4.26
C LEU D 15 -20.74 -5.39 4.74
N ASN D 16 -20.83 -5.21 6.04
CA ASN D 16 -21.04 -3.88 6.62
C ASN D 16 -19.65 -3.32 6.85
N GLN D 17 -19.58 -2.01 6.95
CA GLN D 17 -18.29 -1.32 7.14
C GLN D 17 -17.52 -2.03 8.27
N ALA D 18 -18.28 -2.40 9.28
CA ALA D 18 -17.77 -3.06 10.50
C ALA D 18 -17.23 -4.48 10.21
N GLU D 19 -17.97 -5.29 9.47
CA GLU D 19 -17.50 -6.67 9.21
C GLU D 19 -16.47 -6.68 8.08
N LEU D 20 -16.40 -5.57 7.37
CA LEU D 20 -15.38 -5.39 6.33
C LEU D 20 -14.08 -5.01 7.05
N ALA D 21 -14.21 -4.15 8.09
CA ALA D 21 -13.12 -3.68 8.95
C ALA D 21 -12.48 -4.82 9.74
N GLN D 22 -13.29 -5.88 9.90
CA GLN D 22 -13.02 -7.17 10.54
C GLN D 22 -12.18 -8.08 9.64
N LYS D 23 -12.53 -8.13 8.38
CA LYS D 23 -11.68 -8.91 7.50
C LYS D 23 -10.37 -8.17 7.25
N VAL D 24 -10.47 -6.91 6.88
CA VAL D 24 -9.35 -6.06 6.57
C VAL D 24 -8.33 -5.91 7.70
N GLY D 25 -8.71 -6.29 8.91
CA GLY D 25 -7.85 -6.17 10.07
C GLY D 25 -7.80 -4.70 10.49
N THR D 26 -8.96 -4.09 10.70
CA THR D 26 -9.00 -2.70 11.07
C THR D 26 -10.34 -2.38 11.75
N THR D 27 -10.50 -1.12 12.07
CA THR D 27 -11.73 -0.64 12.72
C THR D 27 -12.75 -0.27 11.66
N GLN D 28 -13.97 -0.07 12.13
CA GLN D 28 -15.05 0.37 11.26
C GLN D 28 -14.78 1.82 10.91
N GLN D 29 -14.34 2.50 11.96
CA GLN D 29 -13.99 3.92 11.93
C GLN D 29 -12.99 4.19 10.82
N SER D 30 -12.00 3.33 10.74
CA SER D 30 -10.95 3.46 9.73
C SER D 30 -11.51 3.20 8.32
N ILE D 31 -12.50 2.34 8.24
CA ILE D 31 -13.12 2.02 6.95
C ILE D 31 -14.01 3.17 6.49
N GLU D 32 -14.49 3.91 7.48
CA GLU D 32 -15.44 5.02 7.26
C GLU D 32 -14.77 6.26 6.64
N GLN D 33 -13.63 6.67 7.19
CA GLN D 33 -12.98 7.84 6.67
C GLN D 33 -12.52 7.67 5.22
N LEU D 34 -12.03 6.46 4.93
CA LEU D 34 -11.57 6.05 3.61
C LEU D 34 -12.73 6.21 2.63
N GLU D 35 -13.75 5.40 2.85
CA GLU D 35 -14.97 5.44 2.07
C GLU D 35 -15.55 6.86 2.03
N ASN D 36 -15.29 7.62 3.09
CA ASN D 36 -15.87 8.98 3.22
C ASN D 36 -14.87 10.09 2.88
N GLY D 37 -13.85 9.70 2.14
CA GLY D 37 -12.82 10.63 1.62
C GLY D 37 -11.94 11.26 2.70
N LYS D 38 -12.00 10.77 3.91
CA LYS D 38 -11.17 11.37 4.96
C LYS D 38 -9.72 10.88 4.83
N THR D 39 -9.49 9.75 4.19
CA THR D 39 -8.10 9.31 4.01
C THR D 39 -7.89 8.79 2.58
N LYS D 40 -6.73 9.18 2.08
CA LYS D 40 -6.27 8.88 0.72
C LYS D 40 -5.66 7.49 0.64
N ARG D 41 -4.49 7.40 1.23
CA ARG D 41 -3.71 6.16 1.23
C ARG D 41 -3.74 5.49 2.60
N PRO D 42 -4.74 4.63 2.87
CA PRO D 42 -4.80 3.94 4.15
C PRO D 42 -3.63 3.02 4.23
N ARG D 43 -3.28 2.59 5.42
CA ARG D 43 -2.12 1.70 5.55
C ARG D 43 -2.54 0.22 5.35
N PHE D 44 -3.82 -0.08 5.55
CA PHE D 44 -4.30 -1.47 5.37
C PHE D 44 -4.74 -1.71 3.92
N LEU D 45 -4.25 -0.87 3.04
CA LEU D 45 -4.57 -0.95 1.61
C LEU D 45 -4.31 -2.37 1.08
N PRO D 46 -3.19 -3.04 1.46
CA PRO D 46 -2.94 -4.38 0.94
C PRO D 46 -3.95 -5.43 1.38
N GLU D 47 -4.36 -5.35 2.62
CA GLU D 47 -5.33 -6.32 3.07
C GLU D 47 -6.71 -6.01 2.55
N LEU D 48 -6.97 -4.72 2.28
CA LEU D 48 -8.23 -4.22 1.76
C LEU D 48 -8.52 -4.81 0.39
N ALA D 49 -7.59 -4.61 -0.54
CA ALA D 49 -7.70 -5.15 -1.88
C ALA D 49 -7.99 -6.63 -1.79
N SER D 50 -7.51 -7.17 -0.69
CA SER D 50 -7.68 -8.57 -0.41
C SER D 50 -9.04 -8.94 0.20
N ALA D 51 -9.79 -7.99 0.77
CA ALA D 51 -11.09 -8.34 1.29
C ALA D 51 -12.17 -8.04 0.26
N LEU D 52 -11.83 -7.15 -0.66
CA LEU D 52 -12.69 -6.71 -1.73
C LEU D 52 -12.36 -7.52 -2.97
N GLY D 53 -11.54 -8.54 -2.76
CA GLY D 53 -11.13 -9.36 -3.85
C GLY D 53 -10.75 -8.59 -5.13
N VAL D 54 -9.96 -7.53 -4.97
CA VAL D 54 -9.43 -6.78 -6.14
C VAL D 54 -7.91 -6.58 -5.98
N SER D 55 -7.34 -5.80 -6.89
CA SER D 55 -5.88 -5.51 -6.93
C SER D 55 -5.62 -4.06 -6.51
N VAL D 56 -4.52 -3.85 -5.79
CA VAL D 56 -4.18 -2.52 -5.25
C VAL D 56 -4.26 -1.41 -6.32
N ASP D 57 -3.95 -1.72 -7.58
CA ASP D 57 -4.05 -0.69 -8.62
C ASP D 57 -5.52 -0.33 -8.84
N TRP D 58 -6.33 -1.38 -9.03
CA TRP D 58 -7.75 -1.15 -9.24
C TRP D 58 -8.30 -0.23 -8.16
N LEU D 59 -8.07 -0.64 -6.94
CA LEU D 59 -8.51 0.14 -5.78
C LEU D 59 -8.05 1.60 -5.94
N LEU D 60 -6.74 1.73 -6.10
CA LEU D 60 -6.05 3.03 -6.20
C LEU D 60 -6.54 3.86 -7.41
N ASN D 61 -6.25 3.61 -8.57
CA ASN D 61 -6.47 4.41 -9.76
C ASN D 61 -7.73 4.05 -10.50
N GLY D 62 -8.37 3.08 -9.96
CA GLY D 62 -9.57 2.58 -10.54
C GLY D 62 -9.28 2.08 -11.94
N THR D 63 -7.99 2.16 -12.44
CA THR D 63 -7.84 1.62 -13.79
C THR D 63 -7.42 0.14 -13.82
#